data_2KD9
#
_entry.id   2KD9
#
loop_
_entity.id
_entity.type
_entity.pdbx_description
1 polymer "5'-D(*CP*GP*TP*AP*CP*(63G)P*CP*AP*TP*GP*C)-3'"
2 polymer "5'-D(*GP*CP*AP*TP*GP*CP*GP*TP*AP*CP*G)-3'"
#
loop_
_entity_poly.entity_id
_entity_poly.type
_entity_poly.pdbx_seq_one_letter_code
_entity_poly.pdbx_strand_id
1 'polydeoxyribonucleotide' (DC)(DG)(DT)(DA)(DC)(63G)(DC)(DA)(DT)(DG)(DC) A
2 'polydeoxyribonucleotide' (DG)(DC)(DA)(DT)(DG)(DC)(DG)(DT)(DA)(DC)(DG) B
#
loop_
_chem_comp.id
_chem_comp.type
_chem_comp.name
_chem_comp.formula
63G DNA linking (6S)-3-(2-deoxy-5-O-phosphono-beta-D-erythro-pentofuranosyl)-6-hydroxy-5,6,7,8-tetrahydropyrimido[1,2-a]purin-10(3H)-one 'C13 H18 N5 O8 P'
DA DNA linking 2'-DEOXYADENOSINE-5'-MONOPHOSPHATE 'C10 H14 N5 O6 P'
DC DNA linking 2'-DEOXYCYTIDINE-5'-MONOPHOSPHATE 'C9 H14 N3 O7 P'
DG DNA linking 2'-DEOXYGUANOSINE-5'-MONOPHOSPHATE 'C10 H14 N5 O7 P'
DT DNA linking THYMIDINE-5'-MONOPHOSPHATE 'C10 H15 N2 O8 P'
#
# COMPACT_ATOMS: atom_id res chain seq x y z
C1' 63G A 6 0.89 2.50 -1.41
C10 63G A 6 -2.25 -2.85 0.80
C11 63G A 6 -1.55 -4.12 0.40
C12 63G A 6 -0.31 -3.88 -0.44
C2 63G A 6 -0.48 -1.48 -0.14
C2' 63G A 6 -0.51 2.76 -0.86
C3' 63G A 6 -0.31 3.61 0.38
C4 63G A 6 0.70 -0.06 -1.42
C4' 63G A 6 1.15 3.36 0.77
C5 63G A 6 1.30 -1.05 -2.14
C5' 63G A 6 1.37 2.66 2.13
C6 63G A 6 1.00 -2.41 -1.87
C8 63G A 6 2.06 0.77 -2.91
N1 63G A 6 0.08 -2.56 -0.83
N2 63G A 6 -1.39 -1.73 0.87
N3 63G A 6 -0.19 -0.21 -0.40
N7 63G A 6 2.16 -0.51 -3.09
N9 63G A 6 1.19 1.13 -1.90
O10 63G A 6 -3.22 -2.52 -0.21
O1P 63G A 6 0.27 1.88 4.70
O2P 63G A 6 -0.91 -0.05 3.48
O3' 63G A 6 -0.32 5.04 0.19
O4' 63G A 6 1.80 2.66 -0.30
O5' 63G A 6 0.60 1.46 2.24
O6 63G A 6 1.47 -3.40 -2.44
P 63G A 6 0.28 0.80 3.68
H1' 63G A 6 1.12 3.25 -2.16
H10 63G A 6 -2.74 -2.97 1.78
H010 63G A 6 -2.83 -1.83 -0.76
H111 63G A 6 -1.22 -4.63 1.30
H211 63G A 6 -2.25 -4.72 -0.19
H112 63G A 6 0.52 -4.23 0.17
H212 63G A 6 -0.39 -4.49 -1.33
HN2 63G A 6 -1.25 -1.25 1.75
H2' 63G A 6 -1.00 1.82 -0.59
H2'' 63G A 6 -1.12 3.26 -1.61
H3' 63G A 6 -1.01 3.34 1.17
H4' 63G A 6 1.60 4.35 0.80
H5' 63G A 6 2.42 2.35 2.20
H5'' 63G A 6 1.14 3.35 2.93
H8 63G A 6 2.59 1.51 -3.49
C1' 63G A 6 1.48 2.14 -1.28
C10 63G A 6 -1.90 -3.00 1.00
C11 63G A 6 -1.23 -4.32 0.66
C12 63G A 6 0.07 -4.13 -0.10
C2 63G A 6 -0.06 -1.74 0.07
C2' 63G A 6 0.09 2.38 -0.71
C3' 63G A 6 0.27 3.26 0.52
C4 63G A 6 1.26 -0.41 -1.16
C4' 63G A 6 1.70 2.92 0.94
C5 63G A 6 1.89 -1.44 -1.79
C5' 63G A 6 1.80 1.76 1.94
C6 63G A 6 1.54 -2.78 -1.49
C8 63G A 6 2.74 0.33 -2.57
N1 63G A 6 0.54 -2.85 -0.52
N2 63G A 6 -1.04 -1.89 1.02
N3 63G A 6 0.29 -0.48 -0.23
N7 63G A 6 2.84 -0.96 -2.69
N9 63G A 6 1.81 0.75 -1.66
O10 63G A 6 -2.87 -2.75 -0.01
O1P 63G A 6 -0.14 1.24 5.21
O2P 63G A 6 -0.50 -0.03 3.01
O3' 63G A 6 0.23 4.67 0.26
O4' 63G A 6 2.41 2.58 -0.27
O5' 63G A 6 1.01 1.96 3.12
O6 63G A 6 2.03 -3.79 -1.96
P 63G A 6 0.39 0.73 3.93
H1' 63G A 6 1.60 2.77 -2.16
H10 63G A 6 -2.39 -3.06 1.98
H010 63G A 6 -2.42 -2.61 -0.85
H111 63G A 6 -0.99 -4.83 1.60
H211 63G A 6 -1.91 -4.89 0.04
H112 63G A 6 0.84 -4.47 0.59
H212 63G A 6 0.03 -4.80 -0.96
HN2 63G A 6 -0.97 -1.26 1.80
H2' 63G A 6 -0.36 1.44 -0.39
H2'' 63G A 6 -0.56 2.85 -1.44
H3' 63G A 6 -0.43 3.00 1.31
H4' 63G A 6 2.17 3.80 1.38
H5' 63G A 6 1.49 0.83 1.46
H5'' 63G A 6 2.84 1.68 2.26
H8 63G A 6 3.36 1.02 -3.15
C1' 63G A 6 0.34 2.18 -1.98
C10 63G A 6 -2.30 -3.09 0.83
C11 63G A 6 -1.54 -4.37 0.55
C12 63G A 6 -0.36 -4.15 -0.39
C2 63G A 6 -0.64 -1.76 -0.31
C2' 63G A 6 -0.99 2.36 -1.25
C3' 63G A 6 -0.69 3.07 0.06
C4 63G A 6 0.36 -0.39 -1.73
C4' 63G A 6 0.81 2.96 0.19
C5 63G A 6 0.98 -1.40 -2.42
C5' 63G A 6 1.24 1.81 1.10
C6 63G A 6 0.80 -2.74 -2.03
C8 63G A 6 1.57 0.42 -3.36
N1 63G A 6 -0.06 -2.85 -0.93
N2 63G A 6 -1.47 -1.95 0.78
N3 63G A 6 -0.46 -0.50 -0.68
N7 63G A 6 1.75 -0.87 -3.45
N9 63G A 6 0.73 0.79 -2.34
O10 63G A 6 -3.31 -2.92 -0.18
O1P 63G A 6 -0.16 1.41 4.69
O2P 63G A 6 -0.72 0.00 2.62
O3' 63G A 6 -1.07 4.46 0.08
O4' 63G A 6 1.33 2.80 -1.14
O5' 63G A 6 0.77 2.02 2.44
O6 63G A 6 1.28 -3.75 -2.55
P 63G A 6 0.24 0.83 3.39
H1' 63G A 6 0.29 2.75 -2.90
H10 63G A 6 -2.75 -3.12 1.82
H010 63G A 6 -2.95 -3.05 -1.06
H111 63G A 6 -1.14 -4.77 1.47
H211 63G A 6 -2.23 -5.05 0.06
H112 63G A 6 0.50 -4.41 0.22
H212 63G A 6 -0.46 -4.86 -1.22
HN2 63G A 6 -1.34 -1.31 1.54
H2' 63G A 6 -1.48 1.39 -1.07
H2'' 63G A 6 -1.64 2.97 -1.87
H3' 63G A 6 -1.19 2.56 0.90
H4' 63G A 6 1.22 3.89 0.60
H5' 63G A 6 0.86 0.88 0.69
H5'' 63G A 6 2.33 1.76 1.12
H8 63G A 6 2.03 1.15 -4.02
C1' 63G A 6 1.19 2.25 -0.69
C10 63G A 6 -2.13 -3.08 1.29
C11 63G A 6 -1.38 -4.36 0.98
C12 63G A 6 -0.12 -4.11 0.16
C2 63G A 6 -0.30 -1.73 0.47
C2' 63G A 6 -0.23 2.49 -0.18
C3' 63G A 6 -0.08 3.51 0.94
C4 63G A 6 0.98 -0.30 -0.70
C4' 63G A 6 1.34 3.24 1.43
C5 63G A 6 1.62 -1.29 -1.39
C5' 63G A 6 1.38 2.53 2.78
C6 63G A 6 1.30 -2.65 -1.15
C8 63G A 6 2.45 0.53 -2.08
N1 63G A 6 0.31 -2.79 -0.19
N2 63G A 6 -1.28 -1.96 1.41
N3 63G A 6 0.01 -0.44 0.23
N7 63G A 6 2.56 -0.75 -2.26
N9 63G A 6 1.50 0.88 -1.14
O10 63G A 6 -3.01 -2.82 0.20
O1P 63G A 6 -0.12 1.55 5.18
O2P 63G A 6 -0.89 -0.41 3.71
O3' 63G A 6 -0.16 4.88 0.55
O4' 63G A 6 2.04 2.49 0.44
O5' 63G A 6 0.56 1.35 2.77
O6 63G A 6 1.82 -3.62 -1.69
P 63G A 6 0.15 0.56 4.10
H1' 63G A 6 1.39 2.96 -1.48
H10 63G A 6 -2.68 -3.19 2.23
H010 63G A 6 -3.14 -1.87 0.12
H111 63G A 6 -1.06 -4.82 1.91
H211 63G A 6 -2.03 -5.00 0.38
H112 63G A 6 0.69 -4.46 0.81
H212 63G A 6 -0.16 -4.73 -0.73
HN2 63G A 6 -1.22 -1.45 2.28
H2' 63G A 6 -0.64 1.58 0.23
H2'' 63G A 6 -0.87 2.86 -0.98
H3' 63G A 6 -0.80 3.32 1.74
H4' 63G A 6 1.85 4.21 1.54
H5' 63G A 6 2.41 2.24 2.99
H5'' 63G A 6 1.03 3.22 3.55
H8 63G A 6 3.03 1.28 -2.61
C1' 63G A 6 1.68 2.38 -1.12
C10 63G A 6 -1.91 -2.70 0.92
C11 63G A 6 -1.28 -4.03 0.60
C12 63G A 6 -0.01 -3.89 -0.23
C2 63G A 6 -0.01 -1.50 0.06
C2' 63G A 6 0.24 2.81 -0.89
C3' 63G A 6 0.30 3.81 0.27
C4 63G A 6 1.32 -0.17 -1.15
C4' 63G A 6 1.48 3.26 1.05
C5 63G A 6 1.87 -1.20 -1.86
C5' 63G A 6 0.87 2.37 2.12
C6 63G A 6 1.47 -2.54 -1.61
C8 63G A 6 2.78 0.58 -2.59
N1 63G A 6 0.50 -2.62 -0.61
N2 63G A 6 -0.96 -1.67 1.04
N3 63G A 6 0.38 -0.25 -0.18
N7 63G A 6 2.81 -0.71 -2.78
N9 63G A 6 1.90 1.00 -1.62
O10 63G A 6 -2.78 -2.35 -0.15
O1P 63G A 6 0.36 1.63 5.16
O2P 63G A 6 -0.31 -0.09 3.37
O3' 63G A 6 0.51 5.18 -0.10
O4' 63G A 6 2.31 2.51 0.16
O5' 63G A 6 1.60 1.50 2.99
O6 63G A 6 1.90 -3.55 -2.17
P 63G A 6 0.74 0.69 4.08
H1' 63G A 6 2.13 3.09 -1.81
H10 63G A 6 -2.48 -2.76 1.86
H010 63G A 6 -2.93 -1.39 -0.17
H111 63G A 6 -1.00 -4.51 1.53
H211 63G A 6 -2.00 -4.62 0.03
H112 63G A 6 0.77 -4.31 0.41
H212 63G A 6 -0.11 -4.52 -1.11
HN2 63G A 6 -0.84 -1.14 1.89
H2' 63G A 6 -0.38 1.96 -0.59
H2'' 63G A 6 -0.18 3.26 -1.79
H3' 63G A 6 -0.59 3.80 0.89
H4' 63G A 6 2.06 4.10 1.44
H5' 63G A 6 1.16 3.16 2.81
H5'' 63G A 6 1.43 1.71 1.45
H8 63G A 6 3.40 1.27 -3.16
C1' 63G A 6 0.88 2.77 -1.43
C10 63G A 6 -2.53 -2.52 0.64
C11 63G A 6 -1.83 -3.81 0.27
C12 63G A 6 -0.65 -3.57 -0.63
C2 63G A 6 -0.71 -1.18 -0.25
C2' 63G A 6 -0.52 3.08 -0.91
C3' 63G A 6 -0.34 4.09 0.21
C4 63G A 6 0.55 0.22 -1.48
C4' 63G A 6 1.09 3.78 0.70
C5 63G A 6 1.10 -0.78 -2.23
C5' 63G A 6 1.12 3.13 2.08
C6 63G A 6 0.73 -2.12 -2.00
C8 63G A 6 1.96 1.03 -2.94
N1 63G A 6 -0.19 -2.26 -0.98
N2 63G A 6 -1.64 -1.43 0.75
N3 63G A 6 -0.36 0.09 -0.48
N7 63G A 6 1.99 -0.26 -3.16
N9 63G A 6 1.10 1.40 -1.93
O10 63G A 6 -3.43 -2.19 -0.42
O1P 63G A 6 -0.23 2.09 4.56
O2P 63G A 6 -1.16 0.20 3.09
O3' 63G A 6 -0.41 5.46 -0.18
O4' 63G A 6 1.72 2.93 -0.28
O5' 63G A 6 0.31 1.94 2.10
O6 63G A 6 1.13 -3.12 -2.59
P 63G A 6 -0.06 1.12 3.44
H1' 63G A 6 1.13 3.50 -2.19
H10 63G A 6 -3.09 -2.64 1.57
H010 63G A 6 -3.57 -1.24 -0.45
H111 63G A 6 -1.45 -4.25 1.20
H211 63G A 6 -2.54 -4.46 -0.24
H112 63G A 6 0.19 -3.99 -0.09
H212 63G A 6 -0.79 -4.17 -1.55
HN2 63G A 6 -1.53 -0.94 1.63
H2' 63G A 6 -0.94 2.16 -0.49
H2'' 63G A 6 -1.17 3.45 -1.70
H3' 63G A 6 -1.06 3.89 1.00
H4' 63G A 6 1.63 4.72 0.73
H5' 63G A 6 2.15 2.89 2.34
H5'' 63G A 6 0.73 3.84 2.81
H8 63G A 6 2.55 1.73 -3.52
C1' 63G A 6 1.26 2.60 -1.30
C10 63G A 6 -2.26 -2.61 0.61
C11 63G A 6 -1.53 -3.91 0.36
C12 63G A 6 -0.22 -3.72 -0.37
C2 63G A 6 -0.37 -1.32 -0.14
C2' 63G A 6 -0.19 2.91 -0.95
C3' 63G A 6 -0.10 3.89 0.21
C4 63G A 6 0.99 0.05 -1.28
C4' 63G A 6 1.29 3.62 0.81
C5 63G A 6 1.66 -0.97 -1.92
C5' 63G A 6 1.30 3.07 2.25
C6 63G A 6 1.29 -2.31 -1.67
C8 63G A 6 2.53 0.82 -2.62
N1 63G A 6 0.25 -2.42 -0.74
N2 63G A 6 -1.40 -1.51 0.76
N3 63G A 6 -0.01 -0.05 -0.40
N7 63G A 6 2.64 -0.46 -2.76
N9 63G A 6 1.57 1.22 -1.73
O10 63G A 6 -3.07 -2.35 -0.55
O1P 63G A 6 0.17 2.05 4.73
O2P 63G A 6 -0.87 0.17 3.30
O3' 63G A 6 -0.04 5.26 -0.19
O4' 63G A 6 2.00 2.76 -0.09
O5' 63G A 6 0.84 1.71 2.33
O6 63G A 6 1.81 -3.30 -2.16
P 63G A 6 0.30 1.00 3.68
H1' 63G A 6 1.57 3.31 -2.06
H10 63G A 6 -2.87 -2.68 1.50
H010 63G A 6 -3.51 -1.50 -0.45
H111 63G A 6 -1.27 -4.35 1.33
H211 63G A 6 -2.16 -4.57 -0.23
H112 63G A 6 0.53 -4.06 0.33
H212 63G A 6 -0.22 -4.36 -1.25
HN2 63G A 6 -1.32 -1.03 1.64
H2' 63G A 6 -0.72 2.01 -0.64
H2'' 63G A 6 -0.70 3.34 -1.80
H3' 63G A 6 -0.88 3.74 0.95
H4' 63G A 6 1.82 4.57 0.79
H5' 63G A 6 2.32 3.12 2.63
H5'' 63G A 6 0.65 3.70 2.86
H8 63G A 6 3.16 1.54 -3.15
C1' 63G A 6 0.42 3.32 -2.32
C10 63G A 6 -2.76 -1.70 0.30
C11 63G A 6 -2.18 -3.04 -0.10
C12 63G A 6 -1.06 -2.92 -1.12
C2 63G A 6 -1.00 -0.52 -0.86
C2' 63G A 6 -0.88 3.65 -1.61
C3' 63G A 6 -0.53 4.62 -0.49
C4 63G A 6 0.09 0.79 -2.28
C4' 63G A 6 0.97 4.34 -0.26
C5 63G A 6 0.52 -0.23 -3.08
C5' 63G A 6 1.24 3.68 1.09
C6 63G A 6 0.18 -1.58 -2.75
C8 63G A 6 1.29 1.55 -3.95
N1 63G A 6 -0.62 -1.64 -1.60
N2 63G A 6 -1.79 -0.69 0.28
N3 63G A 6 -0.66 0.72 -1.17
N7 63G A 6 1.29 0.25 -4.13
N9 63G A 6 0.59 1.95 -2.84
O10 63G A 6 -3.76 -1.33 -0.66
O1P 63G A 6 0.31 3.05 3.83
O2P 63G A 6 -1.15 1.21 2.77
O3' 63G A 6 -0.90 5.99 -0.77
O4' 63G A 6 1.43 3.49 -1.31
O5' 63G A 6 0.34 2.60 1.34
O6 63G A 6 0.50 -2.60 -3.36
P 63G A 6 0.12 1.97 2.82
H1' 63G A 6 0.56 4.07 -3.12
H10 63G A 6 -3.20 -1.74 1.29
H010 63G A 6 -3.83 -0.38 -0.71
H111 63G A 6 -1.75 -3.48 0.80
H211 63G A 6 -2.97 -3.65 -0.52
H112 63G A 6 -0.19 -3.32 -0.61
H212 63G A 6 -1.30 -3.56 -1.97
HN2 63G A 6 -1.53 -0.18 1.11
H2' 63G A 6 -1.30 2.75 -1.17
H2'' 63G A 6 -1.59 4.11 -2.30
H3' 63G A 6 -1.08 4.31 0.39
H4' 63G A 6 1.53 5.28 -0.31
H5' 63G A 6 2.26 3.30 1.08
H5'' 63G A 6 1.14 4.43 1.87
H8 63G A 6 1.80 2.24 -4.61
C1' 63G A 6 0.56 2.54 -1.43
C10 63G A 6 -2.47 -2.82 0.77
C11 63G A 6 -1.76 -4.10 0.35
C12 63G A 6 -0.61 -3.85 -0.61
C2 63G A 6 -0.72 -1.48 -0.22
C2' 63G A 6 -0.81 2.69 -0.77
C3' 63G A 6 -0.61 3.58 0.44
C4 63G A 6 0.39 -0.02 -1.49
C4' 63G A 6 0.92 3.54 0.68
C5 63G A 6 0.94 -0.98 -2.29
C5' 63G A 6 1.28 2.82 1.97
C6 63G A 6 0.65 -2.36 -2.06
C8 63G A 6 1.66 0.87 -3.03
N1 63G A 6 -0.21 -2.53 -0.98
N2 63G A 6 -1.57 -1.74 0.84
N3 63G A 6 -0.44 -0.19 -0.45
N7 63G A 6 1.76 -0.41 -3.27
N9 63G A 6 0.86 1.19 -1.97
O10 63G A 6 -3.42 -2.45 -0.23
O1P 63G A 6 0.02 1.84 4.48
O2P 63G A 6 -0.96 -0.07 3.07
O3' 63G A 6 -1.19 4.88 0.30
O4' 63G A 6 1.52 2.82 -0.41
O5' 63G A 6 0.61 1.55 2.04
O6 63G A 6 1.07 -3.31 -2.70
P 63G A 6 0.17 0.82 3.41
H1' 63G A 6 0.63 3.26 -2.24
H10 63G A 6 -2.93 -2.96 1.74
H010 63G A 6 -3.41 -1.50 -0.33
H111 63G A 6 -1.33 -4.56 1.25
H211 63G A 6 -2.48 -4.75 -0.15
H112 63G A 6 0.28 -4.23 -0.08
H212 63G A 6 -0.78 -4.43 -1.50
HN2 63G A 6 -1.43 -1.22 1.70
H2' 63G A 6 -1.20 1.73 -0.46
H2'' 63G A 6 -1.50 3.16 -1.47
H3' 63G A 6 -1.10 3.09 1.28
H4' 63G A 6 1.30 4.56 0.70
H5' 63G A 6 2.36 2.66 1.98
H5'' 63G A 6 1.00 3.46 2.81
H8 63G A 6 2.19 1.63 -3.60
C1' 63G A 6 0.51 3.19 -1.93
C10 63G A 6 -2.88 -2.08 0.01
C11 63G A 6 -2.19 -3.38 -0.34
C12 63G A 6 -0.91 -3.17 -1.12
C2 63G A 6 -1.02 -0.79 -0.79
C2' 63G A 6 -0.89 3.41 -1.43
C3' 63G A 6 -0.80 4.45 -0.32
C4 63G A 6 0.27 0.62 -1.97
C4' 63G A 6 0.70 4.42 0.08
C5 63G A 6 0.88 -0.38 -2.70
C5' 63G A 6 0.97 4.03 1.53
C6 63G A 6 0.53 -1.73 -2.46
C8 63G A 6 1.72 1.45 -3.39
N1 63G A 6 -0.45 -1.87 -1.47
N2 63G A 6 -1.97 -1.02 0.18
N3 63G A 6 -0.68 0.48 -1.01
N7 63G A 6 1.80 0.16 -3.59
N9 63G A 6 0.81 1.81 -2.42
O10 63G A 6 -3.73 -1.73 -1.09
O1P 63G A 6 2.60 1.22 2.21
O2P 63G A 6 1.44 2.45 4.13
O3' 63G A 6 -1.26 5.75 -0.73
O4' 63G A 6 1.34 3.47 -0.80
O5' 63G A 6 0.59 2.66 1.78
O6 63G A 6 0.99 -2.72 -3.03
P 63G A 6 1.36 1.73 2.84
H1' 63G A 6 0.71 3.92 -2.72
H10 63G A 6 -3.46 -2.20 0.92
H010 63G A 6 -3.77 -0.77 -1.16
H111 63G A 6 -1.93 -3.88 0.58
H211 63G A 6 -2.87 -3.97 -0.96
H112 63G A 6 -0.13 -3.57 -0.48
H212 63G A 6 -0.96 -3.78 -2.02
HN2 63G A 6 -1.71 -0.72 1.11
H2' 63G A 6 -1.32 2.49 -1.05
H2'' 63G A 6 -1.52 3.80 -2.23
H3' 63G A 6 -1.41 4.10 0.52
H4' 63G A 6 1.13 5.40 -0.10
H5' 63G A 6 2.03 4.18 1.74
H5'' 63G A 6 0.39 4.65 2.20
H8 63G A 6 2.31 2.18 -3.94
C1' 63G A 6 1.41 1.79 -0.61
C10 63G A 6 -1.61 -3.91 0.65
C11 63G A 6 -0.83 -5.09 0.10
C12 63G A 6 0.47 -4.70 -0.59
C2 63G A 6 0.17 -2.38 0.01
C2' 63G A 6 -0.03 1.88 -0.13
C3' 63G A 6 0.01 2.72 1.13
C4 63G A 6 1.35 -0.75 -0.97
C4' 63G A 6 1.46 2.54 1.63
C5 63G A 6 2.05 -1.61 -1.79
C5' 63G A 6 1.54 1.66 2.87
C6 63G A 6 1.81 -3.00 -1.73
C8 63G A 6 2.75 0.34 -2.24
N1 63G A 6 0.83 -3.33 -0.77
N2 63G A 6 -0.78 -2.80 0.93
N3 63G A 6 0.41 -1.07 -0.06
N7 63G A 6 2.93 -0.90 -2.59
N9 63G A 6 1.81 0.52 -1.26
O10 63G A 6 -2.53 -3.49 -0.36
O1P 63G A 6 -0.03 0.31 5.02
O2P 63G A 6 -0.61 -1.48 3.29
O3' 63G A 6 -0.41 4.08 0.94
O4' 63G A 6 2.22 1.95 0.55
O5' 63G A 6 0.85 0.42 2.66
O6 63G A 6 2.36 -3.87 -2.39
P 63G A 6 0.36 -0.53 3.87
H1' 63G A 6 1.58 2.61 -1.31
H10 63G A 6 -2.12 -4.19 1.57
H010 63G A 6 -2.09 -3.56 -1.22
H111 63G A 6 -0.58 -5.74 0.94
H211 63G A 6 -1.46 -5.59 -0.64
H112 63G A 6 1.25 -5.08 0.08
H212 63G A 6 0.51 -5.22 -1.53
HN2 63G A 6 -0.79 -2.35 1.83
H2' 63G A 6 -0.41 0.89 0.12
H2'' 63G A 6 -0.66 2.36 -0.88
H3' 63G A 6 -0.67 2.28 1.86
H4' 63G A 6 1.88 3.53 1.86
H5' 63G A 6 2.59 1.46 3.09
H5'' 63G A 6 1.09 2.20 3.71
H8 63G A 6 3.30 1.17 -2.68
C1' 63G A 6 1.30 2.61 -1.93
C10 63G A 6 -2.20 -2.43 0.40
C11 63G A 6 -1.57 -3.75 0.05
C12 63G A 6 -0.29 -3.62 -0.77
C2 63G A 6 -0.33 -1.22 -0.55
C2' 63G A 6 -0.09 2.92 -1.37
C3' 63G A 6 0.15 3.78 -0.14
C4 63G A 6 0.98 0.07 -1.81
C4' 63G A 6 1.52 3.27 0.30
C5 63G A 6 1.55 -0.97 -2.49
C5' 63G A 6 1.45 2.03 1.19
C6 63G A 6 1.17 -2.30 -2.19
C8 63G A 6 2.43 0.79 -3.27
N1 63G A 6 0.19 -2.35 -1.18
N2 63G A 6 -1.28 -1.36 0.44
N3 63G A 6 0.04 0.02 -0.85
N7 63G A 6 2.47 -0.51 -3.42
N9 63G A 6 1.55 1.21 -2.33
O10 63G A 6 -3.11 -2.09 -0.65
O1P 63G A 6 0.09 1.69 4.76
O2P 63G A 6 -0.71 0.37 2.71
O3' 63G A 6 0.26 5.18 -0.44
O4' 63G A 6 2.23 2.97 -0.90
O5' 63G A 6 0.90 2.29 2.48
O6 63G A 6 1.60 -3.34 -2.69
P 63G A 6 0.36 1.10 3.43
H1' 63G A 6 1.46 3.25 -2.80
H10 63G A 6 -2.71 -2.48 1.36
H010 63G A 6 -2.67 -1.43 -1.21
H111 63G A 6 -1.30 -4.28 0.97
H211 63G A 6 -2.28 -4.33 -0.55
H112 63G A 6 0.50 -4.02 -0.13
H212 63G A 6 -0.40 -4.26 -1.64
HN2 63G A 6 -1.18 -0.78 1.26
H2' 63G A 6 -0.61 2.00 -1.08
H2'' 63G A 6 -0.70 3.44 -2.12
H3' 63G A 6 -0.60 3.62 0.63
H4' 63G A 6 2.05 4.06 0.84
H5' 63G A 6 0.86 1.28 0.67
H5'' 63G A 6 2.46 1.63 1.31
H8 63G A 6 3.04 1.46 -3.87
C1' 63G A 6 1.74 1.96 -1.51
C10 63G A 6 -1.66 -3.12 0.85
C11 63G A 6 -0.95 -4.44 0.60
C12 63G A 6 0.35 -4.29 -0.17
C2 63G A 6 0.20 -1.89 -0.08
C2' 63G A 6 0.35 2.21 -0.92
C3' 63G A 6 0.57 3.03 0.36
C4 63G A 6 1.53 -0.60 -1.32
C4' 63G A 6 2.01 2.66 0.70
C5 63G A 6 2.19 -1.65 -1.90
C5' 63G A 6 2.07 1.45 1.64
C6 63G A 6 1.84 -2.97 -1.57
C8 63G A 6 3.04 0.12 -2.72
N1 63G A 6 0.81 -3.01 -0.62
N2 63G A 6 -0.81 -2.02 0.84
N3 63G A 6 0.54 -0.65 -0.41
N7 63G A 6 3.15 -1.17 -2.80
N9 63G A 6 2.08 0.55 -1.84
O10 63G A 6 -2.59 -2.89 -0.20
O1P 63G A 6 0.16 1.18 4.99
O2P 63G A 6 -0.21 -0.21 2.88
O3' 63G A 6 0.53 4.46 0.18
O4' 63G A 6 2.68 2.43 -0.54
O5' 63G A 6 1.40 1.71 2.88
O6 63G A 6 2.35 -4.00 -2.00
P 63G A 6 0.70 0.57 3.76
H1' 63G A 6 1.84 2.53 -2.43
H10 63G A 6 -2.17 -3.15 1.82
H010 63G A 6 -2.29 -2.13 -0.71
H111 63G A 6 -0.71 -4.89 1.55
H211 63G A 6 -1.62 -5.07 0.01
H112 63G A 6 1.12 -4.62 0.52
H212 63G A 6 0.31 -4.98 -1.02
HN2 63G A 6 -0.72 -1.40 1.64
H2' 63G A 6 -0.16 1.28 -0.67
H2'' 63G A 6 -0.26 2.77 -1.64
H3' 63G A 6 -0.11 2.74 1.15
H4' 63G A 6 2.48 3.50 1.21
H5' 63G A 6 1.61 0.59 1.13
H5'' 63G A 6 3.11 1.22 1.83
H8 63G A 6 3.66 0.80 -3.30
C1' 63G A 6 1.35 2.04 -1.33
C10 63G A 6 -1.84 -3.32 0.75
C11 63G A 6 -1.06 -4.59 0.43
C12 63G A 6 0.21 -4.33 -0.36
C2 63G A 6 -0.04 -1.94 -0.12
C2' 63G A 6 -0.05 2.22 -0.73
C3' 63G A 6 0.13 2.96 0.58
C4 63G A 6 1.23 -0.52 -1.29
C4' 63G A 6 1.58 2.66 0.94
C5 63G A 6 1.92 -1.51 -1.95
C5' 63G A 6 1.71 1.41 1.83
C6 63G A 6 1.63 -2.87 -1.68
C8 63G A 6 2.71 0.33 -2.65
N1 63G A 6 0.62 -3.01 -0.73
N2 63G A 6 -1.04 -2.18 0.81
N3 63G A 6 0.25 -0.67 -0.37
N7 63G A 6 2.86 -0.95 -2.81
N9 63G A 6 1.74 0.67 -1.75
O10 63G A 6 -2.78 -3.08 -0.30
O1P 63G A 6 -0.17 0.88 5.17
O2P 63G A 6 -0.48 -0.42 2.99
O3' 63G A 6 -0.17 4.36 0.46
O4' 63G A 6 2.27 2.48 -0.32
O5' 63G A 6 1.03 1.59 3.08
O6 63G A 6 2.18 -3.85 -2.18
P 63G A 6 0.39 0.35 3.90
H1' 63G A 6 1.44 2.70 -2.19
H10 63G A 6 -2.37 -3.44 1.70
H010 63G A 6 -2.69 -2.16 -0.58
H111 63G A 6 -0.77 -5.03 1.38
H211 63G A 6 -1.71 -5.25 -0.15
H112 63G A 6 1.01 -4.69 0.28
H212 63G A 6 0.17 -4.95 -1.26
HN2 63G A 6 -0.94 -1.64 1.65
H2' 63G A 6 -0.51 1.25 -0.55
H2'' 63G A 6 -0.67 2.82 -1.39
H3' 63G A 6 -0.53 2.55 1.34
H4' 63G A 6 2.02 3.49 1.47
H5' 63G A 6 1.30 0.54 1.31
H5'' 63G A 6 2.77 1.24 2.04
H8 63G A 6 3.30 1.06 -3.19
C1' 63G A 6 0.86 1.93 -0.84
C10 63G A 6 -2.04 -3.59 1.09
C11 63G A 6 -1.20 -4.81 0.79
C12 63G A 6 0.10 -4.46 0.10
C2 63G A 6 -0.30 -2.10 0.32
C2' 63G A 6 -0.56 2.03 -0.31
C3' 63G A 6 -0.50 2.90 0.94
C4 63G A 6 0.90 -0.62 -0.82
C4' 63G A 6 1.01 3.00 1.24
C5 63G A 6 1.68 -1.55 -1.46
C5' 63G A 6 1.40 2.54 2.64
C6 63G A 6 1.46 -2.93 -1.19
C8 63G A 6 2.35 0.32 -2.16
N1 63G A 6 0.44 -3.13 -0.27
N2 63G A 6 -1.30 -2.40 1.22
N3 63G A 6 -0.10 -0.81 0.06
N7 63G A 6 2.59 -0.95 -2.31
N9 63G A 6 1.34 0.61 -1.28
O10 63G A 6 -2.96 -3.43 -0.01
O1P 63G A 6 2.81 0.48 4.62
O2P 63G A 6 0.51 1.37 5.32
O3' 63G A 6 -1.14 4.17 0.71
O4' 63G A 6 1.71 2.25 0.26
O5' 63G A 6 1.11 1.16 2.91
O6 63G A 6 2.08 -3.87 -1.66
P 63G A 6 1.34 0.58 4.39
H1' 63G A 6 0.98 2.68 -1.64
H10 63G A 6 -2.60 -3.73 2.02
H010 63G A 6 -2.66 -2.73 -0.59
H111 63G A 6 -0.93 -5.30 1.73
H211 63G A 6 -1.76 -5.47 0.13
H112 63G A 6 0.86 -4.72 0.83
H212 63G A 6 0.18 -5.11 -0.78
HN2 63G A 6 -1.19 -1.96 2.12
H2' 63G A 6 -0.97 1.05 -0.06
H2'' 63G A 6 -1.19 2.53 -1.05
H3' 63G A 6 -1.01 2.38 1.75
H4' 63G A 6 1.30 4.05 1.16
H5' 63G A 6 2.48 2.69 2.73
H5'' 63G A 6 0.89 3.18 3.37
H8 63G A 6 2.90 1.11 -2.69
C1' 63G A 6 1.10 2.18 -1.83
C10 63G A 6 -2.14 -2.99 0.58
C11 63G A 6 -1.39 -4.28 0.31
C12 63G A 6 -0.09 -4.09 -0.44
C2 63G A 6 -0.31 -1.70 -0.36
C2' 63G A 6 -0.28 2.39 -1.18
C3' 63G A 6 -0.03 3.11 0.12
C4 63G A 6 0.98 -0.37 -1.61
C4' 63G A 6 1.46 2.92 0.36
C5 63G A 6 1.67 -1.40 -2.18
C5' 63G A 6 1.75 1.75 1.29
C6 63G A 6 1.37 -2.74 -1.84
C8 63G A 6 2.47 0.37 -3.01
N1 63G A 6 0.34 -2.82 -0.90
N2 63G A 6 -1.31 -1.85 0.56
N3 63G A 6 -0.01 -0.45 -0.71
N7 63G A 6 2.62 -0.91 -3.08
N9 63G A 6 1.50 0.79 -2.15
O10 63G A 6 -3.05 -2.79 -0.49
O1P 63G A 6 -0.02 1.42 4.71
O2P 63G A 6 -0.50 0.10 2.57
O3' 63G A 6 -0.45 4.49 0.07
O4' 63G A 6 2.05 2.76 -0.94
O5' 63G A 6 1.18 1.97 2.58
O6 63G A 6 1.92 -3.75 -2.27
P 63G A 6 0.45 0.81 3.44
H1' 63G A 6 1.13 2.73 -2.78
H10 63G A 6 -2.65 -3.04 1.54
H010 63G A 6 -2.75 -2.05 -1.02
H111 63G A 6 -1.14 -4.74 1.27
H211 63G A 6 -2.03 -4.93 -0.30
H112 63G A 6 0.70 -4.40 0.26
H212 63G A 6 -0.09 -4.78 -1.29
HN2 63G A 6 -1.22 -1.23 1.36
H2' 63G A 6 -0.77 1.43 -1.00
H2'' 63G A 6 -0.89 3.02 -1.83
H3' 63G A 6 -0.60 2.64 0.93
H4' 63G A 6 1.88 3.82 0.82
H5' 63G A 6 1.35 0.83 0.84
H5'' 63G A 6 2.83 1.64 1.40
H8 63G A 6 3.06 1.09 -3.60
C1' 63G A 6 0.38 2.84 -1.47
C10 63G A 6 -2.60 -2.57 0.65
C11 63G A 6 -1.87 -3.84 0.25
C12 63G A 6 -0.63 -3.57 -0.58
C2 63G A 6 -0.84 -1.19 -0.25
C2' 63G A 6 -1.10 3.12 -1.28
C3' 63G A 6 -1.15 4.17 -0.16
C4 63G A 6 0.29 0.28 -1.51
C4' 63G A 6 0.12 3.89 0.62
C5 63G A 6 0.91 -0.68 -2.26
C5' 63G A 6 -0.16 3.39 2.05
C6 63G A 6 0.65 -2.05 -2.01
C8 63G A 6 1.60 1.18 -2.99
N1 63G A 6 -0.26 -2.24 -0.96
N2 63G A 6 -1.74 -1.46 0.77
N3 63G A 6 -0.59 0.10 -0.49
N7 63G A 6 1.74 -0.10 -3.21
N9 63G A 6 0.73 1.49 -1.98
O10 63G A 6 -3.51 -2.25 -0.41
O1P 63G A 6 0.08 1.97 4.83
O2P 63G A 6 -0.94 0.46 3.01
O3' 63G A 6 -1.12 5.53 -0.61
O4' 63G A 6 0.91 2.95 -0.14
O5' 63G A 6 0.67 2.28 2.41
O6 63G A 6 1.14 -3.02 -2.60
P 63G A 6 0.21 1.23 3.55
H1' 63G A 6 0.81 3.62 -2.08
H10 63G A 6 -3.14 -2.72 1.59
H010 63G A 6 -3.04 -1.77 -1.09
H111 63G A 6 -1.55 -4.33 1.17
H211 63G A 6 -2.55 -4.47 -0.32
H112 63G A 6 0.20 -3.91 0.04
H212 63G A 6 -0.69 -4.19 -1.47
HN2 63G A 6 -1.64 -0.93 1.62
H2' 63G A 6 -1.60 2.22 -0.94
H2'' 63G A 6 -1.54 3.49 -2.20
H3' 63G A 6 -2.03 4.04 0.48
H4' 63G A 6 0.69 4.82 0.69
H5' 63G A 6 0.02 4.20 2.74
H5'' 63G A 6 -1.21 3.08 2.14
H8 63G A 6 2.13 1.94 -3.58
C1' 63G A 6 1.44 2.25 -0.72
C10 63G A 6 -1.92 -3.14 0.91
C11 63G A 6 -1.21 -4.40 0.46
C12 63G A 6 0.07 -4.13 -0.31
C2 63G A 6 -0.08 -1.78 0.16
C2' 63G A 6 0.01 2.51 -0.29
C3' 63G A 6 0.10 3.48 0.88
C4 63G A 6 1.21 -0.29 -0.92
C4' 63G A 6 1.49 3.17 1.45
C5 63G A 6 1.84 -1.24 -1.69
C5' 63G A 6 1.43 2.45 2.80
C6 63G A 6 1.50 -2.60 -1.55
C8 63G A 6 2.67 0.62 -2.26
N1 63G A 6 0.52 -2.81 -0.58
N2 63G A 6 -1.04 -2.06 1.10
N3 63G A 6 0.26 -0.49 0.02
N7 63G A 6 2.76 -0.64 -2.54
N9 63G A 6 1.76 0.92 -1.29
O10 63G A 6 -2.82 -2.73 -0.12
O1P 63G A 6 0.00 1.15 5.12
O2P 63G A 6 -0.74 -0.65 3.45
O3' 63G A 6 0.09 4.87 0.50
O4' 63G A 6 2.20 2.37 0.50
O5' 63G A 6 0.67 1.23 2.70
O6 63G A 6 1.99 -3.54 -2.16
P 63G A 6 0.29 0.29 3.94
H1' 63G A 6 1.73 3.04 -1.41
H10 63G A 6 -2.45 -3.32 1.84
H010 63G A 6 -2.71 -1.79 -0.25
H111 63G A 6 -0.93 -4.96 1.36
H211 63G A 6 -1.89 -4.98 -0.18
H112 63G A 6 0.86 -4.55 0.31
H212 63G A 6 0.01 -4.69 -1.25
HN2 63G A 6 -0.98 -1.59 1.99
H2' 63G A 6 -0.46 1.58 0.06
H2'' 63G A 6 -0.57 2.91 -1.12
H3' 63G A 6 -0.68 3.29 1.61
H4' 63G A 6 2.02 4.11 1.58
H5' 63G A 6 2.45 2.20 3.10
H5'' 63G A 6 0.98 3.10 3.54
H8 63G A 6 3.27 1.40 -2.75
C1' 63G A 6 1.70 2.20 -0.71
C10 63G A 6 -1.78 -3.15 0.86
C11 63G A 6 -1.08 -4.42 0.43
C12 63G A 6 0.18 -4.17 -0.36
C2 63G A 6 0.10 -1.81 0.13
C2' 63G A 6 0.28 2.54 -0.27
C3' 63G A 6 0.43 3.43 0.96
C4 63G A 6 1.40 -0.34 -0.94
C4' 63G A 6 1.81 3.04 1.49
C5 63G A 6 2.01 -1.28 -1.72
C5' 63G A 6 1.78 2.26 2.80
C6 63G A 6 1.64 -2.65 -1.59
C8 63G A 6 2.87 0.56 -2.26
N1 63G A 6 0.66 -2.85 -0.62
N2 63G A 6 -0.88 -2.10 1.07
N3 63G A 6 0.44 -0.52 0.00
N7 63G A 6 2.94 -0.70 -2.56
N9 63G A 6 1.97 0.87 -1.28
O10 63G A 6 -2.64 -2.70 -0.19
O1P 63G A 6 0.15 1.11 5.06
O2P 63G A 6 -0.55 -0.72 3.40
O3' 63G A 6 0.49 4.86 0.80
O4' 63G A 6 2.48 2.27 0.48
O5' 63G A 6 0.94 1.10 2.67
O6 63G A 6 2.11 -3.59 -2.21
P 63G A 6 0.47 0.21 3.92
H1' 63G A 6 2.01 2.98 -1.41
H10 63G A 6 -2.35 -3.32 1.78
H010 63G A 6 -2.85 -1.78 -0.05
H111 63G A 6 -0.79 -4.95 1.33
H211 63G A 6 -1.76 -5.02 -0.18
H112 63G A 6 0.98 -4.61 0.23
H212 63G A 6 0.11 -4.71 -1.31
HN2 63G A 6 -0.82 -1.64 1.97
H2' 63G A 6 -0.26 1.63 -0.02
H2'' 63G A 6 -0.26 3.07 -1.07
H3' 63G A 6 -0.33 3.15 1.70
H4' 63G A 6 2.36 3.97 1.65
H5' 63G A 6 2.79 1.94 3.04
H5'' 63G A 6 1.43 2.92 3.59
H8 63G A 6 3.48 1.33 -2.75
C1' 63G A 6 0.42 2.72 -1.34
C10 63G A 6 -2.63 -2.65 0.72
C11 63G A 6 -1.96 -3.93 0.26
C12 63G A 6 -0.72 -3.67 -0.60
C2 63G A 6 -0.85 -1.31 -0.20
C2' 63G A 6 -1.01 3.00 -0.91
C3' 63G A 6 -0.91 3.95 0.30
C4 63G A 6 0.27 0.16 -1.47
C4' 63G A 6 0.54 3.69 0.78
C5 63G A 6 0.84 -0.79 -2.27
C5' 63G A 6 0.77 3.20 2.21
C6 63G A 6 0.55 -2.16 -2.05
C8 63G A 6 1.55 1.08 -2.98
N1 63G A 6 -0.33 -2.36 -0.97
N2 63G A 6 -1.70 -1.59 0.84
N3 63G A 6 -0.58 -0.02 -0.42
N7 63G A 6 1.64 -0.20 -3.24
N9 63G A 6 0.73 1.38 -1.92
O10 63G A 6 -3.56 -2.24 -0.30
O1P 63G A 6 0.68 2.21 5.04
O2P 63G A 6 -0.95 0.42 4.23
O3' 63G A 6 -1.01 5.35 -0.05
O4' 63G A 6 1.15 2.76 -0.12
O5' 63G A 6 -0.03 2.07 2.60
O6 63G A 6 0.98 -3.13 -2.68
P 63G A 6 0.24 1.26 3.98
H1' 63G A 6 0.75 3.52 -2.00
H10 63G A 6 -3.14 -2.80 1.67
H010 63G A 6 -3.16 -1.51 -0.78
H111 63G A 6 -1.62 -4.46 1.15
H211 63G A 6 -2.67 -4.51 -0.33
H112 63G A 6 0.11 -4.04 0.01
H212 63G A 6 -0.80 -4.30 -1.49
HN2 63G A 6 -1.59 -1.08 1.71
H2' 63G A 6 -1.48 2.07 -0.58
H2'' 63G A 6 -1.55 3.44 -1.74
H3' 63G A 6 -1.67 3.74 1.05
H4' 63G A 6 1.02 4.66 0.70
H5' 63G A 6 1.81 2.90 2.26
H5'' 63G A 6 0.56 4.05 2.84
H8 63G A 6 2.06 1.83 -3.56
C1' 63G A 6 1.42 2.72 -1.34
C10 63G A 6 -2.15 -2.42 0.67
C11 63G A 6 -1.53 -3.73 0.23
C12 63G A 6 -0.30 -3.55 -0.62
C2 63G A 6 -0.28 -1.17 -0.22
C2' 63G A 6 0.05 3.04 -0.77
C3' 63G A 6 0.31 3.96 0.41
C4 63G A 6 1.02 0.19 -1.43
C4' 63G A 6 1.74 3.57 0.83
C5 63G A 6 1.55 -0.81 -2.20
C5' 63G A 6 1.77 2.78 2.14
C6 63G A 6 1.15 -2.14 -1.97
C8 63G A 6 2.45 0.97 -2.88
N1 63G A 6 0.20 -2.26 -0.95
N2 63G A 6 -1.21 -1.37 0.77
N3 63G A 6 0.12 0.08 -0.44
N7 63G A 6 2.46 -0.31 -3.11
N9 63G A 6 1.62 1.35 -1.88
O10 63G A 6 -3.07 -1.99 -0.33
O1P 63G A 6 0.17 1.97 4.52
O2P 63G A 6 -0.79 0.08 3.08
O3' 63G A 6 0.13 5.35 0.06
O4' 63G A 6 2.33 2.83 -0.24
O5' 63G A 6 0.85 1.67 2.12
O6 63G A 6 1.55 -3.14 -2.58
P 63G A 6 0.34 0.95 3.46
H1' 63G A 6 1.65 3.46 -2.11
H10 63G A 6 -2.64 -2.53 1.63
H010 63G A 6 -2.71 -1.19 -0.73
H111 63G A 6 -1.22 -4.27 1.13
H211 63G A 6 -2.27 -4.28 -0.34
H112 63G A 6 0.51 -3.99 -0.05
H212 63G A 6 -0.44 -4.12 -1.53
HN2 63G A 6 -1.07 -0.89 1.64
H2' 63G A 6 -0.42 2.13 -0.40
H2'' 63G A 6 -0.59 3.51 -1.51
H3' 63G A 6 -0.39 3.73 1.20
H4' 63G A 6 2.32 4.47 0.99
H5' 63G A 6 2.79 2.40 2.29
H5'' 63G A 6 1.51 3.44 2.96
H8 63G A 6 3.07 1.68 -3.43
C1' 63G A 6 0.35 2.54 -3.07
C10 63G A 6 -2.57 -2.62 -0.29
C11 63G A 6 -1.87 -3.94 -0.60
C12 63G A 6 -0.68 -3.76 -1.54
C2 63G A 6 -0.86 -1.35 -1.42
C2' 63G A 6 -0.98 2.77 -2.36
C3' 63G A 6 -0.68 3.48 -1.05
C4 63G A 6 0.23 -0.02 -2.85
C4' 63G A 6 0.82 3.25 -0.87
C5 63G A 6 0.80 -1.06 -3.54
C5' 63G A 6 1.10 2.08 0.07
C6 63G A 6 0.54 -2.41 -3.15
C8 63G A 6 1.48 0.72 -4.47
N1 63G A 6 -0.32 -2.48 -2.06
N2 63G A 6 -1.70 -1.51 -0.35
N3 63G A 6 -0.60 -0.10 -1.79
N7 63G A 6 1.60 -0.57 -4.57
N9 63G A 6 0.67 1.14 -3.45
O10 63G A 6 -3.54 -2.45 -1.32
O1P 63G A 6 -0.50 1.91 3.57
O2P 63G A 6 -1.02 0.46 1.54
O3' 63G A 6 -0.92 4.91 -1.08
O4' 63G A 6 1.37 3.03 -2.19
O5' 63G A 6 0.60 2.37 1.38
O6 63G A 6 0.98 -3.43 -3.67
P 63G A 6 -0.06 1.25 2.33
H1' 63G A 6 0.38 3.15 -3.97
H10 63G A 6 -3.05 -2.65 0.68
H010 63G A 6 -3.17 -2.69 -2.18
H111 63G A 6 -1.49 -4.37 0.33
H211 63G A 6 -2.59 -4.59 -1.09
H112 63G A 6 0.19 -4.05 -0.96
H212 63G A 6 -0.82 -4.46 -2.36
HN2 63G A 6 -1.57 -0.88 0.42
H2' 63G A 6 -1.48 1.82 -2.14
H2'' 63G A 6 -1.62 3.39 -2.98
H3' 63G A 6 -1.24 3.05 -0.23
H4' 63G A 6 1.27 4.14 -0.44
H5' 63G A 6 0.63 1.19 -0.33
H5'' 63G A 6 2.18 1.94 0.12
H8 63G A 6 1.99 1.41 -5.13
C1' 63G A 6 -0.77 3.23 -1.72
C10 63G A 6 -3.09 -2.39 0.56
C11 63G A 6 -2.32 -3.60 0.07
C12 63G A 6 -1.17 -3.23 -0.86
C2 63G A 6 -1.53 -0.89 -0.47
C2' 63G A 6 -2.20 3.37 -1.22
C3' 63G A 6 -2.13 4.31 -0.02
C4 63G A 6 -0.67 0.68 -1.82
C4' 63G A 6 -0.63 4.31 0.33
C5 63G A 6 -0.06 -0.23 -2.67
C5' 63G A 6 -0.39 3.93 1.79
C6 63G A 6 -0.18 -1.61 -2.41
C8 63G A 6 0.39 1.71 -3.44
N1 63G A 6 -0.95 -1.88 -1.27
N2 63G A 6 -2.26 -1.26 0.65
N3 63G A 6 -1.40 0.41 -0.72
N7 63G A 6 0.60 0.45 -3.70
N9 63G A 6 -0.37 1.93 -2.32
O10 63G A 6 -4.12 -2.11 -0.40
O1P 63G A 6 2.12 3.04 4.11
O2P 63G A 6 -0.15 1.90 3.86
O3' 63G A 6 -2.71 5.62 -0.24
O4' 63G A 6 0.02 3.38 -0.56
O5' 63G A 6 0.85 3.24 1.98
O6 63G A 6 0.30 -2.54 -3.07
P 63G A 6 1.15 2.32 3.27
H1' 63G A 6 -0.59 4.03 -2.44
H10 63G A 6 -3.54 -2.60 1.54
H010 63G A 6 -3.76 -1.62 -1.14
H111 63G A 6 -1.89 -4.07 0.96
H211 63G A 6 -3.00 -4.27 -0.46
H112 63G A 6 -0.28 -3.50 -0.31
H212 63G A 6 -1.25 -3.88 -1.74
HN2 63G A 6 -2.11 -0.80 1.52
H2' 63G A 6 -2.54 2.40 -0.86
H2'' 63G A 6 -2.85 3.77 -1.99
H3' 63G A 6 -2.68 3.85 0.80
H4' 63G A 6 -0.20 5.29 0.13
H5' 63G A 6 -0.40 4.85 2.38
H5'' 63G A 6 -1.20 3.30 2.15
H8 63G A 6 0.78 2.51 -4.06
C1' 63G A 6 -0.06 3.04 -1.79
C10 63G A 6 -2.69 -2.41 0.62
C11 63G A 6 -1.99 -3.67 0.15
C12 63G A 6 -0.84 -3.38 -0.81
C2 63G A 6 -1.06 -1.01 -0.45
C2' 63G A 6 -1.52 3.26 -1.39
C3' 63G A 6 -1.45 4.15 -0.17
C4 63G A 6 -0.11 0.47 -1.84
C4' 63G A 6 -0.16 3.68 0.49
C5 63G A 6 0.43 -0.47 -2.66
C5' 63G A 6 -0.36 2.49 1.43
C6 63G A 6 0.23 -1.85 -2.39
C8 63G A 6 0.99 1.42 -3.47
N1 63G A 6 -0.54 -2.05 -1.24
N2 63G A 6 -1.80 -1.32 0.67
N3 63G A 6 -0.86 0.29 -0.73
N7 63G A 6 1.13 0.13 -3.70
N9 63G A 6 0.25 1.71 -2.35
O10 63G A 6 -3.69 -2.12 -0.36
O1P 63G A 6 0.83 2.11 5.05
O2P 63G A 6 -0.90 0.77 3.72
O3' 63G A 6 -1.41 5.54 -0.51
O4' 63G A 6 0.70 3.27 -0.59
O5' 63G A 6 0.43 2.60 2.62
O6 63G A 6 0.65 -2.80 -3.04
P 63G A 6 0.40 1.47 3.79
H1' 63G A 6 0.20 3.81 -2.51
H10 63G A 6 -3.14 -2.56 1.60
H010 63G A 6 -3.37 -2.35 -1.24
H111 63G A 6 -1.57 -4.15 1.03
H211 63G A 6 -2.72 -4.31 -0.36
H112 63G A 6 0.06 -3.69 -0.26
H212 63G A 6 -0.96 -4.03 -1.67
HN2 63G A 6 -1.60 -0.83 1.53
H2' 63G A 6 -1.98 2.31 -1.11
H2'' 63G A 6 -2.05 3.74 -2.21
H3' 63G A 6 -2.29 4.00 0.51
H4' 63G A 6 0.30 4.51 1.03
H5' 63G A 6 -1.41 2.39 1.71
H5'' 63G A 6 -0.07 1.58 0.89
H8 63G A 6 1.42 2.19 -4.11
C1' 63G A 6 -0.38 2.57 -0.49
C10 63G A 6 -2.46 -3.17 1.68
C11 63G A 6 -1.73 -4.36 1.09
C12 63G A 6 -0.68 -3.94 0.07
C2 63G A 6 -1.00 -1.61 0.61
C2' 63G A 6 -1.80 2.64 0.03
C3' 63G A 6 -1.75 3.38 1.35
C4 63G A 6 -0.27 0.03 -0.73
C4' 63G A 6 -0.31 3.17 1.81
C5 63G A 6 0.25 -0.82 -1.67
C5' 63G A 6 -0.20 2.16 2.95
C6 63G A 6 0.16 -2.23 -1.48
C8 63G A 6 0.63 1.14 -2.38
N1 63G A 6 -0.50 -2.56 -0.28
N2 63G A 6 -1.63 -2.04 1.76
N3 63G A 6 -0.90 -0.29 0.42
N7 63G A 6 0.81 -0.10 -2.71
N9 63G A 6 -0.04 1.30 -1.18
O10 63G A 6 -3.54 -2.87 0.79
O1P 63G A 6 2.67 1.85 5.50
O2P 63G A 6 0.41 0.65 5.45
O3' 63G A 6 -1.99 4.80 1.25
O4' 63G A 6 0.46 2.70 0.68
O5' 63G A 6 1.02 2.33 3.68
O6 63G A 6 0.59 -3.11 -2.22
P 63G A 6 1.56 1.24 4.73
H1' 63G A 6 -0.21 3.42 -1.15
H10 63G A 6 -2.84 -3.41 2.67
H010 63G A 6 -3.25 -2.99 -0.12
H111 63G A 6 -1.22 -4.88 1.90
H211 63G A 6 -2.45 -5.00 0.59
H112 63G A 6 0.27 -4.22 0.54
H212 63G A 6 -0.83 -4.54 -0.82
HN2 63G A 6 -1.28 -1.71 2.65
H2' 63G A 6 -2.18 1.63 0.21
H2'' 63G A 6 -2.44 3.14 -0.70
H3' 63G A 6 -2.47 2.96 2.06
H4' 63G A 6 0.09 4.12 2.16
H5' 63G A 6 -1.04 2.27 3.64
H5'' 63G A 6 -0.23 1.15 2.53
H8 63G A 6 0.95 1.98 -2.99
C1' 63G A 6 1.59 1.90 -0.42
C10 63G A 6 -1.62 -3.62 1.19
C11 63G A 6 -0.88 -4.85 0.71
C12 63G A 6 0.39 -4.53 -0.05
C2 63G A 6 0.18 -2.18 0.44
C2' 63G A 6 0.15 2.08 0.06
C3' 63G A 6 0.23 3.05 1.24
C4 63G A 6 1.43 -0.65 -0.63
C4' 63G A 6 1.66 2.81 1.76
C5 63G A 6 2.09 -1.58 -1.40
C5' 63G A 6 1.66 2.04 3.08
C6 63G A 6 1.79 -2.95 -1.25
C8 63G A 6 2.87 0.31 -1.95
N1 63G A 6 0.81 -3.19 -0.30
N2 63G A 6 -0.79 -2.51 1.37
N3 63G A 6 0.48 -0.89 0.30
N7 63G A 6 3.00 -0.95 -2.23
N9 63G A 6 1.94 0.58 -0.99
O10 63G A 6 -2.57 -3.24 0.18
O1P 63G A 6 0.16 0.75 5.36
O2P 63G A 6 -0.50 -1.09 3.70
O3' 63G A 6 0.10 4.43 0.90
O4' 63G A 6 2.38 2.07 0.76
O5' 63G A 6 0.91 0.82 2.97
O6 63G A 6 2.31 -3.87 -1.88
P 63G A 6 0.50 -0.12 4.21
H1' 63G A 6 1.82 2.68 -1.14
H10 63G A 6 -2.11 -3.83 2.15
H010 63G A 6 -2.16 -2.52 -0.32
H111 63G A 6 -0.61 -5.45 1.58
H211 63G A 6 -1.54 -5.39 0.03
H112 63G A 6 1.19 -4.92 0.58
H212 63G A 6 0.37 -5.08 -0.98
HN2 63G A 6 -0.76 -2.02 2.25
H2' 63G A 6 -0.25 1.13 0.40
H2'' 63G A 6 -0.46 2.47 -0.76
H3' 63G A 6 -0.51 2.79 1.98
H4' 63G A 6 2.13 3.78 1.90
H5' 63G A 6 2.69 1.80 3.34
H5'' 63G A 6 1.23 2.68 3.86
H8 63G A 6 3.46 1.10 -2.44
#